data_5N2S
#
_entry.id   5N2S
#
_cell.length_a   70.273
_cell.length_b   111.658
_cell.length_c   160.543
_cell.angle_alpha   90.00
_cell.angle_beta   90.00
_cell.angle_gamma   90.00
#
_symmetry.space_group_name_H-M   'C 2 2 2'
#
loop_
_entity.id
_entity.type
_entity.pdbx_description
1 polymer 'Soluble cytochrome b562,Adenosine receptor A1'
2 non-polymer 1-butyl-3-(3-oxidanylpropyl)-8-[(1~{R},5~{S})-3-tricyclo[3.3.1.0^{3,7}]nonanyl]-7~{H}-purine-2,6-dione
3 non-polymer 'SULFATE ION'
4 water water
#
_entity_poly.entity_id   1
_entity_poly.type   'polypeptide(L)'
_entity_poly.pdbx_seq_one_letter_code
;ASADLEDNWETLNDNLKVIEKADNAAQVKDALTKMRAAALDAQKATPPKLEDKSPDSPEMKDFRHGFDILVGQIDDALKL
ANEGKVKEAQAAAEQLKTTRNAYIQKYLASSISAFQAAYIGIEVLIALVSVPGNVLVIWAVKVNQALRDATFCFIVSLAV
ADVLVGALVIPLAILINIGPQTYFHTCLMVACPVLILAQSSILALLAIAVDRYLRVKIPLRYKMVVTPRRAAVAIAGCWI
LSFVVGLTPMFGWNNLSAVERAWAAAGSMGEPVIKCEFEKVISMEYMVYFNFFVWVLPPLLLMVLIYLEVFALIRKQLNK
KVSASSGDPQKYYGKELKIAKSAALIAFLFALSWLPLHILNCITLFCPSCHKPSILTYIAIFLAHGNSAMNPIVYAFRIQ
KFRVTFLKIWNDHFRSQPAPPIDAAAHHHHHHHHHH
;
_entity_poly.pdbx_strand_id   A
#
loop_
_chem_comp.id
_chem_comp.type
_chem_comp.name
_chem_comp.formula
8K8 non-polymer 1-butyl-3-(3-oxidanylpropyl)-8-[(1~{R},5~{S})-3-tricyclo[3.3.1.0^{3,7}]nonanyl]-7~{H}-purine-2,6-dione 'C21 H30 N4 O3'
SO4 non-polymer 'SULFATE ION' 'O4 S -2'
#
# COMPACT_ATOMS: atom_id res chain seq x y z
N ASP A 4 18.19 17.42 27.18
CA ASP A 4 17.78 17.47 28.58
C ASP A 4 17.16 16.13 29.02
N LEU A 5 16.36 15.53 28.13
CA LEU A 5 15.70 14.27 28.47
C LEU A 5 16.68 13.11 28.42
N GLU A 6 17.58 13.10 27.44
CA GLU A 6 18.50 11.98 27.27
C GLU A 6 19.46 11.86 28.45
N ASP A 7 20.10 12.98 28.85
CA ASP A 7 21.03 12.94 29.96
C ASP A 7 20.32 12.55 31.27
N ASN A 8 19.09 13.01 31.45
CA ASN A 8 18.31 12.57 32.61
C ASN A 8 18.09 11.07 32.58
N TRP A 9 17.74 10.52 31.40
CA TRP A 9 17.57 9.09 31.26
C TRP A 9 18.84 8.34 31.64
N GLU A 10 19.98 8.77 31.12
CA GLU A 10 21.23 8.09 31.42
C GLU A 10 21.63 8.26 32.88
N THR A 11 21.20 9.35 33.54
CA THR A 11 21.42 9.44 34.98
C THR A 11 20.57 8.44 35.73
N LEU A 12 19.34 8.21 35.27
CA LEU A 12 18.53 7.15 35.85
C LEU A 12 19.21 5.80 35.71
N ASN A 13 19.74 5.50 34.52
CA ASN A 13 20.41 4.23 34.29
C ASN A 13 21.65 4.09 35.16
N ASP A 14 22.60 5.02 35.02
CA ASP A 14 23.87 4.93 35.74
C ASP A 14 23.65 4.91 37.24
N ASN A 15 22.76 5.76 37.76
CA ASN A 15 22.52 5.81 39.19
C ASN A 15 21.83 4.55 39.69
N LEU A 16 20.93 3.99 38.88
CA LEU A 16 20.35 2.70 39.20
C LEU A 16 21.43 1.64 39.33
N LYS A 17 22.41 1.64 38.42
CA LYS A 17 23.53 0.72 38.53
C LYS A 17 24.39 1.04 39.75
N VAL A 18 24.43 2.30 40.18
CA VAL A 18 25.17 2.65 41.38
C VAL A 18 24.51 2.03 42.60
N ILE A 19 23.18 2.09 42.67
CA ILE A 19 22.46 1.44 43.76
C ILE A 19 22.68 -0.07 43.71
N GLU A 20 22.67 -0.64 42.51
CA GLU A 20 22.87 -2.08 42.39
C GLU A 20 24.32 -2.49 42.66
N LYS A 21 25.26 -1.54 42.61
CA LYS A 21 26.66 -1.81 42.96
C LYS A 21 27.07 -1.13 44.26
N ALA A 22 26.10 -0.68 45.06
CA ALA A 22 26.41 0.05 46.28
C ALA A 22 26.74 -0.92 47.43
N ASP A 23 27.51 -0.42 48.39
CA ASP A 23 27.87 -1.17 49.59
C ASP A 23 27.17 -0.68 50.84
N ASN A 24 27.08 0.64 51.04
CA ASN A 24 26.42 1.22 52.20
C ASN A 24 25.17 1.98 51.77
N ALA A 25 24.41 2.44 52.76
CA ALA A 25 23.12 3.08 52.49
C ALA A 25 23.26 4.53 52.03
N ALA A 26 24.38 5.19 52.32
CA ALA A 26 24.54 6.58 51.89
C ALA A 26 24.59 6.68 50.38
N GLN A 27 25.29 5.74 49.73
CA GLN A 27 25.30 5.70 48.27
C GLN A 27 23.89 5.50 47.72
N VAL A 28 23.11 4.62 48.35
CA VAL A 28 21.75 4.35 47.90
C VAL A 28 20.90 5.60 48.01
N LYS A 29 20.90 6.24 49.18
CA LYS A 29 20.07 7.43 49.39
C LYS A 29 20.48 8.57 48.45
N ASP A 30 21.79 8.80 48.31
CA ASP A 30 22.27 9.86 47.43
C ASP A 30 21.85 9.60 45.98
N ALA A 31 22.13 8.40 45.48
CA ALA A 31 21.75 8.06 44.11
C ALA A 31 20.24 8.19 43.92
N LEU A 32 19.45 7.79 44.92
CA LEU A 32 18.01 7.91 44.82
C LEU A 32 17.57 9.36 44.75
N THR A 33 18.21 10.24 45.51
CA THR A 33 17.90 11.67 45.40
C THR A 33 18.19 12.18 44.00
N LYS A 34 19.35 11.80 43.45
CA LYS A 34 19.67 12.18 42.07
C LYS A 34 18.61 11.67 41.09
N MET A 35 18.16 10.42 41.28
CA MET A 35 17.17 9.84 40.38
C MET A 35 15.83 10.55 40.48
N ARG A 36 15.44 10.97 41.69
CA ARG A 36 14.21 11.74 41.82
C ARG A 36 14.34 13.10 41.13
N ALA A 37 15.48 13.76 41.28
CA ALA A 37 15.68 15.04 40.62
C ALA A 37 15.58 14.89 39.10
N ALA A 38 16.28 13.89 38.54
CA ALA A 38 16.28 13.72 37.09
C ALA A 38 14.91 13.26 36.58
N ALA A 39 14.20 12.44 37.37
CA ALA A 39 12.89 11.97 36.94
C ALA A 39 11.87 13.10 36.95
N LEU A 40 11.86 13.92 38.00
CA LEU A 40 10.97 15.07 38.02
C LEU A 40 11.32 16.05 36.91
N ASP A 41 12.62 16.23 36.62
CA ASP A 41 13.03 17.17 35.58
C ASP A 41 12.69 16.63 34.19
N ALA A 42 12.62 15.31 34.02
CA ALA A 42 12.29 14.72 32.73
C ALA A 42 10.80 14.48 32.55
N GLN A 43 10.02 14.51 33.63
CA GLN A 43 8.57 14.37 33.50
C GLN A 43 7.96 15.52 32.72
N LYS A 44 8.62 16.68 32.74
CA LYS A 44 8.15 17.87 32.04
C LYS A 44 8.63 17.93 30.60
N ALA A 45 9.37 16.92 30.14
CA ALA A 45 9.91 16.92 28.79
C ALA A 45 8.94 16.27 27.81
N THR A 46 9.33 16.23 26.54
CA THR A 46 8.54 15.63 25.48
C THR A 46 9.46 14.75 24.64
N PRO A 47 9.11 13.49 24.43
CA PRO A 47 10.01 12.60 23.69
C PRO A 47 10.15 13.08 22.25
N PRO A 48 11.30 12.79 21.62
CA PRO A 48 11.47 13.22 20.23
C PRO A 48 10.52 12.55 19.26
N LYS A 49 10.02 11.36 19.59
CA LYS A 49 9.07 10.69 18.72
C LYS A 49 7.73 11.40 18.68
N LEU A 50 7.36 12.08 19.76
CA LEU A 50 6.03 12.68 19.89
C LEU A 50 6.09 14.19 19.62
N GLU A 51 6.54 14.53 18.42
CA GLU A 51 6.54 15.93 18.00
C GLU A 51 5.15 16.40 17.57
N ASP A 52 4.39 15.53 16.91
CA ASP A 52 3.11 15.91 16.33
C ASP A 52 1.95 15.78 17.31
N LYS A 53 2.06 14.90 18.30
CA LYS A 53 0.96 14.65 19.21
C LYS A 53 0.72 15.85 20.11
N SER A 54 -0.55 16.13 20.40
CA SER A 54 -0.93 17.30 21.18
C SER A 54 -0.39 17.19 22.61
N PRO A 55 -0.28 18.32 23.31
CA PRO A 55 0.28 18.28 24.68
C PRO A 55 -0.55 17.46 25.65
N ASP A 56 -1.86 17.35 25.44
CA ASP A 56 -2.72 16.52 26.28
C ASP A 56 -3.13 15.23 25.58
N SER A 57 -2.50 14.89 24.46
CA SER A 57 -2.78 13.65 23.75
C SER A 57 -2.51 12.46 24.67
N PRO A 58 -3.11 11.30 24.38
CA PRO A 58 -2.95 10.15 25.28
C PRO A 58 -1.51 9.72 25.46
N GLU A 59 -0.64 9.96 24.48
CA GLU A 59 0.77 9.60 24.64
C GLU A 59 1.43 10.42 25.73
N MET A 60 1.12 11.71 25.81
CA MET A 60 1.70 12.56 26.85
C MET A 60 1.17 12.19 28.23
N LYS A 61 -0.12 11.86 28.33
CA LYS A 61 -0.68 11.48 29.62
C LYS A 61 -0.16 10.12 30.08
N ASP A 62 0.08 9.19 29.14
CA ASP A 62 0.71 7.94 29.51
C ASP A 62 2.17 8.15 29.91
N PHE A 63 2.84 9.12 29.28
CA PHE A 63 4.21 9.46 29.63
C PHE A 63 4.29 10.00 31.05
N ARG A 64 3.60 11.11 31.30
CA ARG A 64 3.58 11.70 32.63
C ARG A 64 3.06 10.72 33.67
N HIS A 65 2.13 9.84 33.28
CA HIS A 65 1.61 8.83 34.21
C HIS A 65 2.71 7.85 34.60
N GLY A 66 3.41 7.31 33.60
CA GLY A 66 4.53 6.42 33.90
C GLY A 66 5.59 7.08 34.76
N PHE A 67 5.84 8.37 34.53
CA PHE A 67 6.79 9.08 35.39
C PHE A 67 6.24 9.28 36.80
N ASP A 68 4.93 9.39 36.95
CA ASP A 68 4.33 9.46 38.28
C ASP A 68 4.55 8.16 39.04
N ILE A 69 4.29 7.03 38.38
CA ILE A 69 4.60 5.73 38.99
C ILE A 69 6.08 5.65 39.34
N LEU A 70 6.93 6.16 38.45
CA LEU A 70 8.37 6.12 38.67
C LEU A 70 8.76 6.87 39.94
N VAL A 71 8.28 8.12 40.09
CA VAL A 71 8.56 8.89 41.29
C VAL A 71 7.96 8.21 42.50
N GLY A 72 6.87 7.45 42.33
CA GLY A 72 6.36 6.66 43.43
C GLY A 72 7.35 5.61 43.91
N GLN A 73 7.87 4.81 42.97
CA GLN A 73 8.87 3.80 43.32
C GLN A 73 10.09 4.44 43.95
N ILE A 74 10.56 5.55 43.38
CA ILE A 74 11.72 6.26 43.92
C ILE A 74 11.46 6.70 45.34
N ASP A 75 10.26 7.23 45.63
CA ASP A 75 9.96 7.68 46.98
C ASP A 75 9.87 6.51 47.96
N ASP A 76 9.40 5.35 47.51
CA ASP A 76 9.42 4.18 48.39
C ASP A 76 10.85 3.76 48.71
N ALA A 77 11.68 3.63 47.68
CA ALA A 77 13.08 3.26 47.89
C ALA A 77 13.79 4.26 48.79
N LEU A 78 13.46 5.54 48.64
CA LEU A 78 14.10 6.58 49.45
C LEU A 78 13.63 6.51 50.90
N LYS A 79 12.32 6.30 51.11
CA LYS A 79 11.81 6.14 52.46
C LYS A 79 12.43 4.93 53.15
N LEU A 80 12.74 3.87 52.39
CA LEU A 80 13.46 2.75 52.96
C LEU A 80 14.94 3.07 53.18
N ALA A 81 15.53 3.92 52.35
CA ALA A 81 16.95 4.22 52.47
C ALA A 81 17.22 5.14 53.66
N ASN A 82 16.30 6.05 53.97
CA ASN A 82 16.47 6.93 55.11
C ASN A 82 16.48 6.15 56.41
N GLU A 83 15.78 5.01 56.45
CA GLU A 83 15.72 4.18 57.64
C GLU A 83 16.91 3.24 57.78
N GLY A 84 17.91 3.35 56.90
CA GLY A 84 19.08 2.50 56.95
C GLY A 84 18.87 1.08 56.47
N LYS A 85 17.77 0.79 55.78
CA LYS A 85 17.51 -0.55 55.26
C LYS A 85 17.99 -0.61 53.82
N VAL A 86 19.28 -0.93 53.66
CA VAL A 86 19.88 -0.93 52.33
C VAL A 86 19.36 -2.09 51.49
N LYS A 87 19.00 -3.20 52.13
CA LYS A 87 18.47 -4.35 51.40
C LYS A 87 17.19 -3.97 50.65
N GLU A 88 16.15 -3.61 51.41
CA GLU A 88 14.86 -3.28 50.80
C GLU A 88 14.97 -2.07 49.88
N ALA A 89 15.91 -1.16 50.17
CA ALA A 89 16.15 -0.05 49.26
C ALA A 89 16.67 -0.55 47.92
N GLN A 90 17.56 -1.56 47.94
CA GLN A 90 18.03 -2.14 46.69
C GLN A 90 16.93 -2.92 45.98
N ALA A 91 16.01 -3.52 46.73
CA ALA A 91 14.88 -4.21 46.10
C ALA A 91 13.96 -3.22 45.38
N ALA A 92 13.52 -2.19 46.10
CA ALA A 92 12.74 -1.13 45.47
C ALA A 92 13.51 -0.46 44.34
N ALA A 93 14.85 -0.56 44.35
CA ALA A 93 15.61 -0.18 43.17
C ALA A 93 15.48 -1.23 42.07
N GLU A 94 15.24 -2.49 42.43
CA GLU A 94 15.07 -3.53 41.41
C GLU A 94 13.72 -3.42 40.71
N GLN A 95 12.71 -2.88 41.39
CA GLN A 95 11.41 -2.72 40.72
C GLN A 95 11.46 -1.66 39.62
N LEU A 96 12.36 -0.69 39.75
CA LEU A 96 12.42 0.43 38.80
C LEU A 96 12.70 -0.05 37.39
N LYS A 97 13.43 -1.15 37.23
CA LYS A 97 13.69 -1.68 35.89
C LYS A 97 12.41 -2.23 35.28
N THR A 98 11.57 -2.87 36.09
CA THR A 98 10.29 -3.37 35.58
C THR A 98 9.36 -2.23 35.19
N THR A 99 9.23 -1.23 36.07
CA THR A 99 8.43 -0.06 35.73
C THR A 99 8.95 0.61 34.46
N ARG A 100 10.28 0.64 34.28
CA ARG A 100 10.86 1.17 33.06
C ARG A 100 10.48 0.31 31.85
N ASN A 101 10.45 -1.01 32.03
CA ASN A 101 10.14 -1.91 30.94
C ASN A 101 8.70 -1.75 30.46
N ALA A 102 7.77 -1.56 31.40
CA ALA A 102 6.36 -1.49 31.02
C ALA A 102 6.02 -0.22 30.24
N TYR A 103 6.79 0.86 30.40
CA TYR A 103 6.37 2.15 29.87
C TYR A 103 7.33 2.73 28.84
N ILE A 104 8.39 3.40 29.31
CA ILE A 104 9.23 4.22 28.45
C ILE A 104 9.96 3.41 27.38
N GLN A 105 9.86 2.08 27.40
CA GLN A 105 10.41 1.27 26.32
C GLN A 105 9.54 1.29 25.07
N LYS A 106 8.42 2.00 25.10
CA LYS A 106 7.51 2.04 23.95
C LYS A 106 7.05 3.47 23.67
N SER A 113 3.10 8.20 12.22
CA SER A 113 2.02 7.25 12.49
C SER A 113 0.67 7.96 12.51
N ALA A 114 0.71 9.30 12.55
CA ALA A 114 -0.50 10.10 12.47
C ALA A 114 -0.88 10.40 11.03
N PHE A 115 0.09 10.91 10.25
CA PHE A 115 -0.12 11.06 8.81
C PHE A 115 -0.35 9.71 8.14
N GLN A 116 0.30 8.67 8.64
CA GLN A 116 0.23 7.35 8.01
C GLN A 116 -1.12 6.69 8.24
N ALA A 117 -1.70 6.88 9.43
CA ALA A 117 -2.98 6.27 9.75
C ALA A 117 -4.08 6.73 8.80
N ALA A 118 -4.00 7.98 8.34
CA ALA A 118 -4.96 8.44 7.33
C ALA A 118 -4.83 7.64 6.06
N TYR A 119 -3.60 7.39 5.60
CA TYR A 119 -3.38 6.55 4.43
C TYR A 119 -3.99 5.16 4.63
N ILE A 120 -3.72 4.55 5.78
CA ILE A 120 -4.25 3.21 6.06
C ILE A 120 -5.77 3.21 5.99
N GLY A 121 -6.40 4.14 6.70
CA GLY A 121 -7.86 4.19 6.72
C GLY A 121 -8.47 4.42 5.35
N ILE A 122 -7.90 5.34 4.59
CA ILE A 122 -8.40 5.60 3.24
C ILE A 122 -8.26 4.35 2.38
N GLU A 123 -7.16 3.60 2.55
CA GLU A 123 -7.02 2.35 1.82
C GLU A 123 -8.13 1.37 2.20
N VAL A 124 -8.43 1.25 3.49
CA VAL A 124 -9.50 0.36 3.92
C VAL A 124 -10.82 0.79 3.30
N LEU A 125 -11.06 2.10 3.22
CA LEU A 125 -12.26 2.62 2.58
C LEU A 125 -12.34 2.21 1.11
N ILE A 126 -11.25 2.44 0.37
CA ILE A 126 -11.22 2.07 -1.05
C ILE A 126 -11.43 0.58 -1.22
N ALA A 127 -10.99 -0.23 -0.25
CA ALA A 127 -11.32 -1.66 -0.30
C ALA A 127 -12.81 -1.88 -0.13
N LEU A 128 -13.41 -1.26 0.89
CA LEU A 128 -14.83 -1.43 1.18
C LEU A 128 -15.73 -0.89 0.07
N VAL A 129 -15.20 -0.09 -0.85
CA VAL A 129 -15.95 0.35 -2.02
C VAL A 129 -15.65 -0.51 -3.24
N SER A 130 -14.39 -0.97 -3.37
CA SER A 130 -13.99 -1.73 -4.54
C SER A 130 -14.60 -3.12 -4.54
N VAL A 131 -14.51 -3.83 -3.42
CA VAL A 131 -14.94 -5.23 -3.39
C VAL A 131 -16.44 -5.35 -3.64
N PRO A 132 -17.31 -4.74 -2.83
CA PRO A 132 -18.75 -5.02 -2.99
C PRO A 132 -19.32 -4.51 -4.31
N GLY A 133 -18.80 -3.40 -4.83
CA GLY A 133 -19.33 -2.87 -6.08
C GLY A 133 -19.04 -3.77 -7.26
N ASN A 134 -17.78 -4.19 -7.41
CA ASN A 134 -17.44 -5.09 -8.50
C ASN A 134 -18.07 -6.46 -8.32
N VAL A 135 -18.23 -6.91 -7.06
CA VAL A 135 -19.02 -8.12 -6.83
C VAL A 135 -20.44 -7.92 -7.32
N LEU A 136 -20.99 -6.72 -7.14
CA LEU A 136 -22.34 -6.42 -7.60
C LEU A 136 -22.42 -6.46 -9.13
N VAL A 137 -21.37 -5.98 -9.81
CA VAL A 137 -21.34 -6.07 -11.27
C VAL A 137 -21.30 -7.52 -11.71
N ILE A 138 -20.42 -8.31 -11.09
CA ILE A 138 -20.34 -9.74 -11.40
C ILE A 138 -21.70 -10.40 -11.20
N TRP A 139 -22.45 -9.97 -10.18
CA TRP A 139 -23.78 -10.50 -9.98
C TRP A 139 -24.71 -10.11 -11.12
N ALA A 140 -24.77 -8.81 -11.42
CA ALA A 140 -25.72 -8.30 -12.41
C ALA A 140 -25.49 -8.93 -13.79
N VAL A 141 -24.25 -9.19 -14.16
CA VAL A 141 -24.00 -9.78 -15.47
C VAL A 141 -24.10 -11.30 -15.41
N LYS A 142 -23.47 -11.91 -14.41
CA LYS A 142 -23.38 -13.37 -14.36
C LYS A 142 -24.74 -14.02 -14.14
N VAL A 143 -25.48 -13.58 -13.12
CA VAL A 143 -26.71 -14.28 -12.77
C VAL A 143 -27.74 -14.16 -13.89
N ASN A 144 -27.81 -12.99 -14.52
CA ASN A 144 -28.69 -12.83 -15.67
C ASN A 144 -28.18 -13.67 -16.84
N GLN A 145 -29.05 -14.52 -17.38
CA GLN A 145 -28.66 -15.38 -18.50
C GLN A 145 -28.61 -14.63 -19.82
N ALA A 146 -29.38 -13.55 -19.95
CA ALA A 146 -29.35 -12.75 -21.17
C ALA A 146 -28.04 -12.00 -21.34
N LEU A 147 -27.17 -12.00 -20.34
CA LEU A 147 -25.91 -11.28 -20.40
C LEU A 147 -24.75 -12.26 -20.52
N ARG A 148 -24.70 -13.03 -21.60
CA ARG A 148 -23.61 -13.96 -21.89
C ARG A 148 -22.99 -13.58 -23.23
N ASP A 149 -22.35 -12.41 -23.24
CA ASP A 149 -21.74 -11.81 -24.42
C ASP A 149 -20.22 -11.93 -24.33
N ALA A 150 -19.52 -11.33 -25.29
CA ALA A 150 -18.06 -11.22 -25.24
C ALA A 150 -17.61 -9.99 -24.47
N THR A 151 -18.17 -8.81 -24.81
CA THR A 151 -17.92 -7.62 -24.03
C THR A 151 -18.35 -7.82 -22.58
N PHE A 152 -19.46 -8.52 -22.36
CA PHE A 152 -19.88 -8.84 -21.01
C PHE A 152 -18.89 -9.75 -20.30
N CYS A 153 -18.24 -10.66 -21.04
CA CYS A 153 -17.25 -11.52 -20.42
C CYS A 153 -15.99 -10.74 -20.05
N PHE A 154 -15.58 -9.82 -20.92
CA PHE A 154 -14.48 -8.92 -20.56
C PHE A 154 -14.83 -8.09 -19.33
N ILE A 155 -16.08 -7.62 -19.25
CA ILE A 155 -16.54 -6.87 -18.08
C ILE A 155 -16.46 -7.73 -16.84
N VAL A 156 -16.88 -8.99 -16.93
CA VAL A 156 -16.83 -9.89 -15.78
C VAL A 156 -15.39 -10.08 -15.32
N SER A 157 -14.48 -10.36 -16.26
CA SER A 157 -13.08 -10.55 -15.89
C SER A 157 -12.50 -9.29 -15.25
N LEU A 158 -12.80 -8.12 -15.82
CA LEU A 158 -12.30 -6.88 -15.23
C LEU A 158 -12.84 -6.67 -13.82
N ALA A 159 -14.13 -6.95 -13.61
CA ALA A 159 -14.71 -6.80 -12.29
C ALA A 159 -14.06 -7.78 -11.31
N VAL A 160 -13.71 -8.98 -11.78
CA VAL A 160 -12.94 -9.92 -10.96
C VAL A 160 -11.60 -9.28 -10.58
N ALA A 161 -10.93 -8.65 -11.55
CA ALA A 161 -9.65 -8.03 -11.27
C ALA A 161 -9.77 -6.94 -10.21
N ASP A 162 -10.81 -6.11 -10.30
CA ASP A 162 -10.98 -5.05 -9.31
C ASP A 162 -11.35 -5.63 -7.94
N VAL A 163 -12.15 -6.69 -7.92
CA VAL A 163 -12.44 -7.38 -6.66
C VAL A 163 -11.14 -7.84 -6.00
N LEU A 164 -10.26 -8.45 -6.79
CA LEU A 164 -8.98 -8.89 -6.24
C LEU A 164 -8.11 -7.71 -5.84
N VAL A 165 -8.27 -6.56 -6.50
CA VAL A 165 -7.53 -5.37 -6.08
C VAL A 165 -7.99 -4.92 -4.69
N GLY A 166 -9.30 -4.85 -4.48
CA GLY A 166 -9.79 -4.50 -3.16
C GLY A 166 -9.48 -5.54 -2.11
N ALA A 167 -9.34 -6.81 -2.51
CA ALA A 167 -9.17 -7.90 -1.57
C ALA A 167 -7.71 -8.34 -1.41
N LEU A 168 -6.83 -8.00 -2.34
CA LEU A 168 -5.44 -8.43 -2.25
C LEU A 168 -4.46 -7.26 -2.35
N VAL A 169 -4.62 -6.43 -3.39
CA VAL A 169 -3.67 -5.34 -3.61
C VAL A 169 -3.69 -4.34 -2.47
N ILE A 170 -4.85 -4.10 -1.88
CA ILE A 170 -4.98 -3.13 -0.79
C ILE A 170 -4.52 -3.74 0.53
N PRO A 171 -4.94 -4.95 0.90
CA PRO A 171 -4.39 -5.54 2.15
C PRO A 171 -2.88 -5.68 2.12
N LEU A 172 -2.30 -6.12 1.00
CA LEU A 172 -0.85 -6.14 0.88
C LEU A 172 -0.27 -4.74 0.82
N ALA A 173 -1.05 -3.78 0.30
CA ALA A 173 -0.60 -2.39 0.28
C ALA A 173 -0.57 -1.78 1.68
N ILE A 174 -1.31 -2.35 2.62
CA ILE A 174 -1.22 -1.92 4.01
C ILE A 174 -0.06 -2.61 4.71
N LEU A 175 0.16 -3.90 4.41
CA LEU A 175 1.26 -4.62 5.04
C LEU A 175 2.61 -4.22 4.48
N ILE A 176 2.66 -3.65 3.27
CA ILE A 176 3.90 -3.07 2.78
C ILE A 176 4.17 -1.71 3.43
N ASN A 177 3.14 -1.05 3.96
CA ASN A 177 3.31 0.26 4.58
C ASN A 177 3.75 0.14 6.03
N ILE A 178 3.19 -0.81 6.77
CA ILE A 178 3.67 -1.05 8.13
C ILE A 178 5.06 -1.65 8.14
N GLY A 179 5.46 -2.29 7.04
CA GLY A 179 6.83 -2.70 6.81
C GLY A 179 7.38 -3.66 7.85
N PRO A 180 7.05 -4.93 7.75
CA PRO A 180 7.70 -5.94 8.58
C PRO A 180 9.00 -6.43 7.94
N GLN A 181 9.87 -6.96 8.79
CA GLN A 181 11.15 -7.50 8.32
C GLN A 181 10.92 -8.93 7.85
N THR A 182 10.91 -9.13 6.54
CA THR A 182 10.71 -10.44 5.94
C THR A 182 11.82 -10.73 4.95
N TYR A 183 11.84 -11.96 4.44
CA TYR A 183 12.84 -12.36 3.46
C TYR A 183 12.72 -11.50 2.20
N PHE A 184 13.70 -11.66 1.31
CA PHE A 184 13.68 -10.90 0.07
C PHE A 184 12.58 -11.39 -0.87
N HIS A 185 12.51 -12.72 -1.08
CA HIS A 185 11.56 -13.26 -2.05
C HIS A 185 10.12 -13.03 -1.62
N THR A 186 9.86 -13.03 -0.30
CA THR A 186 8.51 -12.74 0.17
C THR A 186 8.05 -11.35 -0.27
N CYS A 187 8.98 -10.39 -0.34
CA CYS A 187 8.61 -9.07 -0.80
C CYS A 187 8.25 -9.07 -2.29
N LEU A 188 8.90 -9.91 -3.09
CA LEU A 188 8.49 -10.08 -4.48
C LEU A 188 7.10 -10.70 -4.56
N MET A 189 6.87 -11.77 -3.81
CA MET A 189 5.56 -12.40 -3.78
C MET A 189 4.48 -11.41 -3.34
N VAL A 190 4.86 -10.41 -2.56
CA VAL A 190 3.91 -9.34 -2.24
C VAL A 190 3.78 -8.36 -3.41
N ALA A 191 4.87 -8.14 -4.16
CA ALA A 191 4.89 -7.05 -5.14
C ALA A 191 4.22 -7.42 -6.46
N CYS A 192 4.24 -8.69 -6.85
CA CYS A 192 3.79 -9.08 -8.19
C CYS A 192 2.28 -8.99 -8.47
N PRO A 193 1.40 -9.33 -7.50
CA PRO A 193 -0.04 -9.37 -7.83
C PRO A 193 -0.60 -8.08 -8.41
N VAL A 194 -0.14 -6.91 -7.94
CA VAL A 194 -0.66 -5.66 -8.48
C VAL A 194 -0.21 -5.48 -9.93
N LEU A 195 1.01 -5.90 -10.24
CA LEU A 195 1.45 -5.88 -11.65
C LEU A 195 0.55 -6.76 -12.50
N ILE A 196 0.34 -8.00 -12.06
CA ILE A 196 -0.50 -8.93 -12.81
C ILE A 196 -1.88 -8.34 -13.05
N LEU A 197 -2.53 -7.89 -11.98
CA LEU A 197 -3.92 -7.42 -12.09
C LEU A 197 -4.00 -6.15 -12.93
N ALA A 198 -3.02 -5.25 -12.82
CA ALA A 198 -3.05 -4.04 -13.62
C ALA A 198 -2.93 -4.36 -15.10
N GLN A 199 -1.98 -5.24 -15.46
CA GLN A 199 -1.87 -5.65 -16.86
C GLN A 199 -3.15 -6.33 -17.33
N SER A 200 -3.77 -7.13 -16.45
CA SER A 200 -5.03 -7.78 -16.79
C SER A 200 -6.12 -6.76 -17.09
N SER A 201 -6.18 -5.67 -16.32
CA SER A 201 -7.15 -4.64 -16.60
C SER A 201 -6.88 -3.94 -17.93
N ILE A 202 -5.61 -3.63 -18.20
CA ILE A 202 -5.24 -3.03 -19.49
C ILE A 202 -5.73 -3.91 -20.63
N LEU A 203 -5.38 -5.20 -20.59
CA LEU A 203 -5.76 -6.11 -21.67
C LEU A 203 -7.27 -6.29 -21.76
N ALA A 204 -7.97 -6.28 -20.62
CA ALA A 204 -9.42 -6.39 -20.65
C ALA A 204 -10.04 -5.19 -21.36
N LEU A 205 -9.58 -3.98 -21.03
CA LEU A 205 -10.09 -2.78 -21.70
C LEU A 205 -9.79 -2.82 -23.20
N LEU A 206 -8.57 -3.21 -23.57
CA LEU A 206 -8.24 -3.32 -24.99
C LEU A 206 -9.16 -4.32 -25.68
N ALA A 207 -9.47 -5.44 -25.02
CA ALA A 207 -10.36 -6.43 -25.61
C ALA A 207 -11.76 -5.87 -25.79
N ILE A 208 -12.24 -5.08 -24.83
CA ILE A 208 -13.52 -4.40 -25.00
C ILE A 208 -13.49 -3.49 -26.22
N ALA A 209 -12.39 -2.75 -26.40
CA ALA A 209 -12.27 -1.87 -27.56
C ALA A 209 -12.35 -2.66 -28.86
N VAL A 210 -11.58 -3.76 -28.95
CA VAL A 210 -11.61 -4.59 -30.14
C VAL A 210 -13.02 -5.09 -30.41
N ASP A 211 -13.70 -5.58 -29.36
CA ASP A 211 -15.05 -6.09 -29.54
C ASP A 211 -16.00 -5.01 -30.03
N ARG A 212 -15.83 -3.78 -29.54
CA ARG A 212 -16.63 -2.67 -30.06
C ARG A 212 -16.37 -2.45 -31.55
N TYR A 213 -15.09 -2.42 -31.94
CA TYR A 213 -14.73 -2.22 -33.34
C TYR A 213 -15.32 -3.32 -34.22
N LEU A 214 -15.38 -4.55 -33.71
CA LEU A 214 -16.00 -5.62 -34.47
C LEU A 214 -17.52 -5.44 -34.53
N ARG A 215 -18.12 -4.94 -33.46
CA ARG A 215 -19.56 -4.73 -33.47
C ARG A 215 -19.98 -3.56 -34.35
N VAL A 216 -19.06 -2.65 -34.69
CA VAL A 216 -19.45 -1.47 -35.45
C VAL A 216 -18.98 -1.56 -36.90
N LYS A 217 -17.87 -2.27 -37.14
CA LYS A 217 -17.36 -2.36 -38.51
C LYS A 217 -17.96 -3.54 -39.27
N ILE A 218 -17.92 -4.73 -38.68
CA ILE A 218 -18.45 -5.92 -39.34
C ILE A 218 -19.55 -6.52 -38.48
N PRO A 219 -20.74 -5.92 -38.43
CA PRO A 219 -21.84 -6.54 -37.66
C PRO A 219 -22.45 -7.68 -38.44
N LEU A 220 -22.45 -7.53 -39.77
CA LEU A 220 -23.09 -8.49 -40.66
C LEU A 220 -22.67 -9.93 -40.36
N ARG A 221 -21.41 -10.12 -39.96
CA ARG A 221 -20.91 -11.43 -39.60
C ARG A 221 -20.37 -11.49 -38.17
N TYR A 222 -20.63 -10.47 -37.35
CA TYR A 222 -20.00 -10.37 -36.05
C TYR A 222 -20.20 -11.64 -35.23
N LYS A 223 -21.45 -12.03 -34.99
CA LYS A 223 -21.75 -13.18 -34.14
C LYS A 223 -21.15 -14.46 -34.69
N MET A 224 -20.77 -14.48 -35.97
CA MET A 224 -20.18 -15.68 -36.56
C MET A 224 -18.65 -15.66 -36.56
N VAL A 225 -18.04 -14.51 -36.31
CA VAL A 225 -16.59 -14.41 -36.18
C VAL A 225 -16.16 -14.44 -34.72
N VAL A 226 -16.95 -13.85 -33.83
CA VAL A 226 -16.62 -13.82 -32.40
C VAL A 226 -17.41 -14.97 -31.76
N THR A 227 -16.86 -16.17 -31.87
CA THR A 227 -17.44 -17.31 -31.19
C THR A 227 -17.17 -17.19 -29.70
N PRO A 228 -18.07 -17.71 -28.86
CA PRO A 228 -17.79 -17.73 -27.42
C PRO A 228 -16.52 -18.49 -27.07
N ARG A 229 -16.20 -19.54 -27.85
CA ARG A 229 -14.91 -20.19 -27.72
C ARG A 229 -13.78 -19.20 -27.88
N ARG A 230 -13.86 -18.34 -28.90
CA ARG A 230 -12.84 -17.32 -29.10
C ARG A 230 -12.83 -16.31 -27.97
N ALA A 231 -13.99 -16.04 -27.36
CA ALA A 231 -14.01 -15.15 -26.19
C ALA A 231 -13.22 -15.76 -25.04
N ALA A 232 -13.45 -17.05 -24.75
CA ALA A 232 -12.70 -17.72 -23.69
C ALA A 232 -11.22 -17.77 -24.02
N VAL A 233 -10.87 -18.04 -25.29
CA VAL A 233 -9.47 -18.11 -25.67
C VAL A 233 -8.79 -16.76 -25.51
N ALA A 234 -9.46 -15.68 -25.93
CA ALA A 234 -8.87 -14.36 -25.83
C ALA A 234 -8.72 -13.93 -24.38
N ILE A 235 -9.73 -14.19 -23.54
CA ILE A 235 -9.63 -13.84 -22.13
C ILE A 235 -8.49 -14.61 -21.47
N ALA A 236 -8.43 -15.92 -21.72
CA ALA A 236 -7.33 -16.71 -21.18
C ALA A 236 -5.98 -16.17 -21.65
N GLY A 237 -5.89 -15.73 -22.91
CA GLY A 237 -4.66 -15.13 -23.38
C GLY A 237 -4.31 -13.86 -22.64
N CYS A 238 -5.32 -13.05 -22.31
CA CYS A 238 -5.08 -11.84 -21.53
C CYS A 238 -4.55 -12.16 -20.15
N TRP A 239 -5.16 -13.14 -19.47
CA TRP A 239 -4.68 -13.55 -18.16
C TRP A 239 -3.24 -14.06 -18.24
N ILE A 240 -2.94 -14.88 -19.26
CA ILE A 240 -1.59 -15.43 -19.39
C ILE A 240 -0.58 -14.33 -19.63
N LEU A 241 -0.89 -13.37 -20.50
CA LEU A 241 -0.02 -12.23 -20.69
C LEU A 241 0.19 -11.47 -19.39
N SER A 242 -0.87 -11.30 -18.61
CA SER A 242 -0.76 -10.59 -17.34
C SER A 242 0.13 -11.35 -16.35
N PHE A 243 0.14 -12.68 -16.41
CA PHE A 243 1.02 -13.44 -15.54
C PHE A 243 2.47 -13.38 -16.00
N VAL A 244 2.70 -13.46 -17.31
CA VAL A 244 4.07 -13.39 -17.82
C VAL A 244 4.67 -12.04 -17.53
N VAL A 245 3.95 -10.97 -17.87
CA VAL A 245 4.43 -9.62 -17.57
C VAL A 245 4.46 -9.39 -16.07
N GLY A 246 3.62 -10.10 -15.32
CA GLY A 246 3.52 -9.90 -13.90
C GLY A 246 4.58 -10.63 -13.09
N LEU A 247 4.77 -11.91 -13.35
CA LEU A 247 5.76 -12.71 -12.63
C LEU A 247 7.16 -12.55 -13.18
N THR A 248 7.41 -11.56 -14.03
CA THR A 248 8.76 -11.33 -14.53
C THR A 248 9.76 -11.01 -13.43
N PRO A 249 9.46 -10.17 -12.43
CA PRO A 249 10.42 -9.97 -11.34
C PRO A 249 10.81 -11.25 -10.62
N MET A 250 9.84 -12.14 -10.36
CA MET A 250 10.17 -13.40 -9.71
C MET A 250 11.02 -14.30 -10.60
N PHE A 251 10.98 -14.11 -11.91
CA PHE A 251 11.84 -14.89 -12.80
C PHE A 251 13.31 -14.50 -12.69
N GLY A 252 13.63 -13.38 -12.07
CA GLY A 252 15.02 -13.03 -11.86
C GLY A 252 15.39 -11.58 -12.15
N TRP A 253 14.42 -10.78 -12.60
CA TRP A 253 14.68 -9.37 -12.91
C TRP A 253 14.26 -8.55 -11.70
N ASN A 254 15.23 -8.25 -10.84
CA ASN A 254 14.97 -7.51 -9.61
C ASN A 254 16.28 -6.82 -9.20
N ASN A 255 16.21 -6.07 -8.11
CA ASN A 255 17.39 -5.44 -7.52
C ASN A 255 17.97 -6.28 -6.39
N LEU A 256 18.09 -7.59 -6.64
CA LEU A 256 18.70 -8.50 -5.68
C LEU A 256 20.21 -8.32 -5.61
N SER A 257 20.83 -7.71 -6.63
CA SER A 257 22.27 -7.53 -6.62
C SER A 257 22.69 -6.54 -5.54
N ALA A 258 22.06 -5.37 -5.50
CA ALA A 258 22.43 -4.35 -4.53
C ALA A 258 22.10 -4.80 -3.10
N VAL A 259 20.92 -5.40 -2.90
CA VAL A 259 20.52 -5.85 -1.57
C VAL A 259 21.49 -6.90 -1.06
N GLU A 260 21.87 -7.85 -1.91
CA GLU A 260 22.78 -8.90 -1.47
C GLU A 260 24.20 -8.37 -1.28
N ARG A 261 24.60 -7.36 -2.07
CA ARG A 261 25.91 -6.75 -1.88
C ARG A 261 25.99 -6.04 -0.54
N ALA A 262 24.99 -5.22 -0.23
CA ALA A 262 24.93 -4.59 1.09
C ALA A 262 24.74 -5.61 2.20
N TRP A 263 24.19 -6.78 1.88
CA TRP A 263 24.05 -7.83 2.89
C TRP A 263 25.37 -8.52 3.17
N ALA A 264 26.23 -8.63 2.17
CA ALA A 264 27.53 -9.25 2.38
C ALA A 264 28.56 -8.26 2.89
N ALA A 265 28.38 -6.98 2.60
CA ALA A 265 29.31 -5.96 3.11
C ALA A 265 29.29 -5.89 4.62
N ALA A 266 28.13 -6.16 5.24
CA ALA A 266 28.03 -6.22 6.69
C ALA A 266 28.55 -7.53 7.26
N GLY A 267 29.03 -8.44 6.42
CA GLY A 267 29.59 -9.70 6.86
C GLY A 267 28.61 -10.86 6.89
N SER A 268 27.33 -10.58 7.11
CA SER A 268 26.34 -11.64 7.17
C SER A 268 26.15 -12.28 5.80
N MET A 269 25.71 -13.54 5.81
CA MET A 269 25.48 -14.28 4.58
C MET A 269 24.24 -15.14 4.74
N GLY A 270 23.59 -15.43 3.61
CA GLY A 270 22.35 -16.17 3.60
C GLY A 270 21.28 -15.45 2.80
N GLU A 271 20.02 -15.68 3.15
CA GLU A 271 18.92 -14.98 2.49
C GLU A 271 18.82 -13.55 3.04
N PRO A 272 18.91 -12.52 2.20
CA PRO A 272 18.79 -11.16 2.70
C PRO A 272 17.42 -10.90 3.32
N VAL A 273 17.42 -10.09 4.38
CA VAL A 273 16.20 -9.69 5.08
C VAL A 273 16.13 -8.17 5.05
N ILE A 274 15.02 -7.63 4.56
CA ILE A 274 14.88 -6.20 4.31
C ILE A 274 13.55 -5.69 4.85
N LYS A 275 13.41 -4.37 4.82
CA LYS A 275 12.20 -3.70 5.25
C LYS A 275 11.01 -4.00 4.35
N CYS A 276 11.27 -4.50 3.13
CA CYS A 276 10.26 -4.78 2.12
C CYS A 276 9.54 -3.50 1.67
N GLU A 277 10.33 -2.56 1.18
CA GLU A 277 9.78 -1.44 0.43
C GLU A 277 9.57 -1.86 -1.01
N PHE A 278 8.69 -1.12 -1.70
CA PHE A 278 8.44 -1.42 -3.10
C PHE A 278 9.66 -1.11 -3.96
N GLU A 279 10.35 -0.02 -3.65
CA GLU A 279 11.41 0.48 -4.53
C GLU A 279 12.66 -0.40 -4.49
N LYS A 280 12.87 -1.13 -3.39
CA LYS A 280 14.11 -1.88 -3.23
C LYS A 280 14.07 -3.26 -3.88
N VAL A 281 12.89 -3.82 -4.11
CA VAL A 281 12.78 -5.16 -4.66
C VAL A 281 12.52 -5.18 -6.17
N ILE A 282 12.11 -4.07 -6.76
CA ILE A 282 11.74 -4.00 -8.17
C ILE A 282 12.74 -3.13 -8.90
N SER A 283 13.23 -3.61 -10.04
CA SER A 283 14.09 -2.80 -10.90
C SER A 283 13.24 -1.79 -11.66
N MET A 284 13.62 -0.52 -11.57
CA MET A 284 12.87 0.53 -12.27
C MET A 284 13.04 0.44 -13.78
N GLU A 285 14.09 -0.22 -14.27
CA GLU A 285 14.20 -0.50 -15.69
C GLU A 285 13.07 -1.40 -16.15
N TYR A 286 12.67 -2.36 -15.31
CA TYR A 286 11.54 -3.22 -15.64
C TYR A 286 10.24 -2.44 -15.63
N MET A 287 10.05 -1.56 -14.65
CA MET A 287 8.81 -0.79 -14.58
C MET A 287 8.69 0.17 -15.75
N VAL A 288 9.76 0.90 -16.05
CA VAL A 288 9.74 1.93 -17.07
C VAL A 288 9.79 1.29 -18.46
N TYR A 289 10.91 0.65 -18.78
CA TYR A 289 11.13 0.20 -20.15
C TYR A 289 10.19 -0.96 -20.52
N PHE A 290 10.03 -1.92 -19.63
CA PHE A 290 9.30 -3.15 -19.97
C PHE A 290 7.81 -3.04 -19.60
N ASN A 291 7.52 -2.85 -18.31
CA ASN A 291 6.14 -2.89 -17.85
C ASN A 291 5.30 -1.72 -18.37
N PHE A 292 5.93 -0.59 -18.72
CA PHE A 292 5.20 0.62 -19.09
C PHE A 292 5.35 0.94 -20.57
N PHE A 293 6.56 1.22 -21.04
CA PHE A 293 6.80 1.60 -22.43
C PHE A 293 6.39 0.51 -23.41
N VAL A 294 6.15 -0.72 -22.95
CA VAL A 294 5.80 -1.84 -23.81
C VAL A 294 4.41 -2.35 -23.51
N TRP A 295 4.09 -2.59 -22.24
CA TRP A 295 2.85 -3.24 -21.86
C TRP A 295 1.84 -2.29 -21.24
N VAL A 296 2.00 -0.97 -21.43
CA VAL A 296 1.01 -0.01 -20.98
C VAL A 296 0.76 1.02 -22.07
N LEU A 297 1.81 1.76 -22.45
CA LEU A 297 1.64 2.85 -23.40
C LEU A 297 1.16 2.38 -24.77
N PRO A 298 1.76 1.35 -25.40
CA PRO A 298 1.27 0.92 -26.72
C PRO A 298 -0.18 0.48 -26.69
N PRO A 299 -0.61 -0.35 -25.72
CA PRO A 299 -2.05 -0.68 -25.68
C PRO A 299 -2.94 0.54 -25.54
N LEU A 300 -2.51 1.56 -24.78
CA LEU A 300 -3.30 2.78 -24.69
C LEU A 300 -3.43 3.45 -26.05
N LEU A 301 -2.31 3.58 -26.76
CA LEU A 301 -2.35 4.20 -28.09
C LEU A 301 -3.25 3.43 -29.03
N LEU A 302 -3.13 2.10 -29.04
CA LEU A 302 -3.98 1.29 -29.90
C LEU A 302 -5.45 1.45 -29.53
N MET A 303 -5.76 1.56 -28.25
CA MET A 303 -7.14 1.79 -27.85
C MET A 303 -7.64 3.15 -28.35
N VAL A 304 -6.76 4.15 -28.33
CA VAL A 304 -7.13 5.47 -28.85
C VAL A 304 -7.49 5.37 -30.32
N LEU A 305 -6.62 4.73 -31.12
CA LEU A 305 -6.91 4.58 -32.54
C LEU A 305 -8.20 3.80 -32.77
N ILE A 306 -8.40 2.72 -32.00
CA ILE A 306 -9.59 1.89 -32.17
C ILE A 306 -10.85 2.71 -31.91
N TYR A 307 -10.90 3.41 -30.77
CA TYR A 307 -12.10 4.18 -30.44
C TYR A 307 -12.32 5.32 -31.41
N LEU A 308 -11.26 5.94 -31.93
CA LEU A 308 -11.43 6.93 -32.98
C LEU A 308 -12.09 6.31 -34.20
N GLU A 309 -11.64 5.12 -34.60
CA GLU A 309 -12.25 4.46 -35.75
C GLU A 309 -13.71 4.11 -35.48
N VAL A 310 -14.02 3.65 -34.27
CA VAL A 310 -15.39 3.28 -33.93
C VAL A 310 -16.31 4.49 -34.00
N PHE A 311 -15.91 5.58 -33.36
CA PHE A 311 -16.73 6.80 -33.41
C PHE A 311 -16.86 7.30 -34.85
N ALA A 312 -15.80 7.16 -35.66
CA ALA A 312 -15.88 7.58 -37.04
C ALA A 312 -16.90 6.76 -37.82
N LEU A 313 -16.87 5.43 -37.65
CA LEU A 313 -17.79 4.57 -38.37
C LEU A 313 -19.23 4.81 -37.94
N ILE A 314 -19.46 4.91 -36.62
CA ILE A 314 -20.81 5.16 -36.12
C ILE A 314 -21.31 6.52 -36.60
N ARG A 315 -20.41 7.51 -36.70
CA ARG A 315 -20.83 8.82 -37.17
C ARG A 315 -21.19 8.81 -38.65
N LYS A 316 -20.36 8.15 -39.48
CA LYS A 316 -20.65 8.11 -40.91
C LYS A 316 -21.90 7.28 -41.21
N GLN A 317 -22.14 6.22 -40.44
CA GLN A 317 -23.33 5.39 -40.65
C GLN A 317 -24.64 6.09 -40.24
N LEU A 318 -24.63 7.40 -39.99
CA LEU A 318 -25.85 8.12 -39.62
C LEU A 318 -25.91 9.48 -40.31
N PRO A 329 -31.78 -0.72 -37.62
CA PRO A 329 -32.05 0.67 -37.99
C PRO A 329 -31.15 1.65 -37.26
N GLN A 330 -31.68 2.84 -36.93
CA GLN A 330 -30.88 3.83 -36.22
C GLN A 330 -30.66 3.45 -34.77
N LYS A 331 -31.57 2.67 -34.18
CA LYS A 331 -31.52 2.39 -32.76
C LYS A 331 -30.30 1.55 -32.40
N TYR A 332 -30.01 0.51 -33.18
CA TYR A 332 -28.85 -0.33 -32.88
C TYR A 332 -27.57 0.47 -32.88
N TYR A 333 -27.39 1.35 -33.87
CA TYR A 333 -26.16 2.14 -33.94
C TYR A 333 -26.10 3.21 -32.87
N GLY A 334 -27.25 3.78 -32.49
CA GLY A 334 -27.25 4.68 -31.35
C GLY A 334 -26.87 3.99 -30.05
N LYS A 335 -27.36 2.77 -29.86
CA LYS A 335 -27.00 1.98 -28.69
C LYS A 335 -25.51 1.67 -28.68
N GLU A 336 -24.97 1.22 -29.81
CA GLU A 336 -23.53 1.00 -29.91
C GLU A 336 -22.76 2.30 -29.66
N LEU A 337 -23.34 3.44 -30.00
CA LEU A 337 -22.69 4.72 -29.71
C LEU A 337 -22.67 4.99 -28.21
N LYS A 338 -23.75 4.69 -27.50
CA LYS A 338 -23.76 4.87 -26.05
C LYS A 338 -22.74 3.96 -25.38
N ILE A 339 -22.74 2.68 -25.73
CA ILE A 339 -21.79 1.74 -25.15
C ILE A 339 -20.36 2.15 -25.48
N ALA A 340 -20.14 2.68 -26.69
CA ALA A 340 -18.81 3.14 -27.07
C ALA A 340 -18.39 4.34 -26.24
N LYS A 341 -19.32 5.27 -25.99
CA LYS A 341 -19.03 6.40 -25.12
C LYS A 341 -18.63 5.92 -23.73
N SER A 342 -19.39 5.00 -23.16
CA SER A 342 -19.09 4.49 -21.82
C SER A 342 -17.72 3.80 -21.80
N ALA A 343 -17.43 2.98 -22.80
CA ALA A 343 -16.16 2.27 -22.83
C ALA A 343 -14.99 3.23 -22.95
N ALA A 344 -15.08 4.19 -23.87
CA ALA A 344 -14.00 5.17 -24.02
C ALA A 344 -13.81 5.97 -22.75
N LEU A 345 -14.89 6.33 -22.07
CA LEU A 345 -14.78 7.06 -20.82
C LEU A 345 -14.07 6.24 -19.75
N ILE A 346 -14.46 4.97 -19.60
CA ILE A 346 -13.84 4.12 -18.59
C ILE A 346 -12.36 3.95 -18.88
N ALA A 347 -12.00 3.72 -20.14
CA ALA A 347 -10.59 3.58 -20.49
C ALA A 347 -9.82 4.85 -20.20
N PHE A 348 -10.41 6.01 -20.52
CA PHE A 348 -9.74 7.28 -20.25
C PHE A 348 -9.54 7.49 -18.76
N LEU A 349 -10.51 7.08 -17.94
CA LEU A 349 -10.35 7.20 -16.49
C LEU A 349 -9.32 6.22 -15.97
N PHE A 350 -9.17 5.06 -16.61
CA PHE A 350 -8.10 4.14 -16.23
C PHE A 350 -6.72 4.75 -16.51
N ALA A 351 -6.51 5.23 -17.73
CA ALA A 351 -5.24 5.85 -18.07
C ALA A 351 -4.97 7.06 -17.19
N LEU A 352 -6.02 7.83 -16.86
CA LEU A 352 -5.83 9.02 -16.06
C LEU A 352 -5.50 8.67 -14.61
N SER A 353 -6.15 7.64 -14.07
CA SER A 353 -5.88 7.20 -12.70
C SER A 353 -4.60 6.39 -12.56
N TRP A 354 -4.01 5.95 -13.67
CA TRP A 354 -2.82 5.11 -13.61
C TRP A 354 -1.55 5.78 -14.10
N LEU A 355 -1.64 6.81 -14.94
CA LEU A 355 -0.44 7.50 -15.39
C LEU A 355 0.38 8.14 -14.27
N PRO A 356 -0.20 8.69 -13.20
CA PRO A 356 0.64 9.30 -12.15
C PRO A 356 1.70 8.37 -11.57
N LEU A 357 1.31 7.17 -11.15
CA LEU A 357 2.26 6.25 -10.56
C LEU A 357 3.37 5.90 -11.54
N HIS A 358 3.00 5.64 -12.81
CA HIS A 358 4.01 5.35 -13.83
C HIS A 358 4.97 6.50 -14.01
N ILE A 359 4.46 7.73 -14.05
CA ILE A 359 5.34 8.89 -14.21
C ILE A 359 6.24 9.04 -13.00
N LEU A 360 5.77 8.65 -11.81
CA LEU A 360 6.64 8.61 -10.65
C LEU A 360 7.77 7.60 -10.84
N ASN A 361 7.45 6.42 -11.38
CA ASN A 361 8.49 5.45 -11.71
C ASN A 361 9.49 6.01 -12.70
N CYS A 362 9.01 6.71 -13.72
CA CYS A 362 9.91 7.28 -14.73
C CYS A 362 10.81 8.34 -14.13
N ILE A 363 10.27 9.21 -13.28
CA ILE A 363 11.09 10.21 -12.62
C ILE A 363 12.13 9.54 -11.73
N THR A 364 11.76 8.42 -11.10
CA THR A 364 12.71 7.67 -10.30
C THR A 364 13.86 7.14 -11.15
N LEU A 365 13.55 6.58 -12.32
CA LEU A 365 14.59 6.00 -13.16
C LEU A 365 15.47 7.07 -13.79
N PHE A 366 14.87 8.17 -14.25
CA PHE A 366 15.60 9.16 -15.02
C PHE A 366 16.33 10.17 -14.14
N CYS A 367 15.77 10.52 -12.98
CA CYS A 367 16.45 11.37 -12.01
C CYS A 367 16.39 10.71 -10.63
N PRO A 368 17.41 9.94 -10.26
CA PRO A 368 17.47 9.41 -8.89
C PRO A 368 17.69 10.48 -7.84
N SER A 369 18.24 11.64 -8.21
CA SER A 369 18.47 12.70 -7.24
C SER A 369 17.16 13.40 -6.87
N CYS A 370 16.32 13.68 -7.86
CA CYS A 370 15.03 14.31 -7.61
C CYS A 370 14.17 13.41 -6.72
N HIS A 371 13.90 13.82 -5.50
CA HIS A 371 13.04 13.06 -4.60
C HIS A 371 11.69 13.75 -4.46
N LYS A 372 10.64 12.95 -4.50
CA LYS A 372 9.27 13.43 -4.57
C LYS A 372 8.71 13.65 -3.16
N PRO A 373 7.88 14.66 -2.97
CA PRO A 373 7.17 14.79 -1.69
C PRO A 373 6.23 13.61 -1.50
N SER A 374 6.20 13.10 -0.27
CA SER A 374 5.42 11.89 0.01
C SER A 374 3.94 12.09 -0.32
N ILE A 375 3.40 13.27 -0.02
CA ILE A 375 1.96 13.51 -0.18
C ILE A 375 1.52 13.21 -1.61
N LEU A 376 2.32 13.61 -2.60
CA LEU A 376 1.95 13.37 -3.99
C LEU A 376 2.00 11.88 -4.33
N THR A 377 2.92 11.13 -3.70
CA THR A 377 2.95 9.69 -3.90
C THR A 377 1.73 9.02 -3.29
N TYR A 378 1.37 9.41 -2.07
CA TYR A 378 0.13 8.91 -1.47
C TYR A 378 -1.07 9.20 -2.36
N ILE A 379 -1.10 10.39 -2.99
CA ILE A 379 -2.18 10.72 -3.92
C ILE A 379 -2.16 9.77 -5.11
N ALA A 380 -0.98 9.56 -5.70
CA ALA A 380 -0.88 8.70 -6.88
C ALA A 380 -1.36 7.28 -6.56
N ILE A 381 -0.99 6.76 -5.39
CA ILE A 381 -1.45 5.43 -5.00
C ILE A 381 -2.96 5.44 -4.75
N PHE A 382 -3.48 6.54 -4.20
CA PHE A 382 -4.92 6.64 -3.98
C PHE A 382 -5.67 6.60 -5.31
N LEU A 383 -5.12 7.21 -6.35
CA LEU A 383 -5.74 7.13 -7.67
C LEU A 383 -5.64 5.71 -8.23
N ALA A 384 -4.42 5.16 -8.25
CA ALA A 384 -4.19 3.85 -8.86
C ALA A 384 -5.07 2.77 -8.23
N HIS A 385 -5.12 2.73 -6.90
CA HIS A 385 -5.97 1.75 -6.24
C HIS A 385 -7.44 2.15 -6.29
N GLY A 386 -7.72 3.45 -6.35
CA GLY A 386 -9.10 3.92 -6.30
C GLY A 386 -9.88 3.73 -7.58
N ASN A 387 -9.20 3.64 -8.72
CA ASN A 387 -9.92 3.42 -9.98
C ASN A 387 -10.73 2.13 -9.94
N SER A 388 -10.23 1.11 -9.23
CA SER A 388 -10.99 -0.14 -9.10
C SER A 388 -12.34 0.10 -8.46
N ALA A 389 -12.42 1.00 -7.49
CA ALA A 389 -13.71 1.42 -6.94
C ALA A 389 -14.44 2.37 -7.87
N MET A 390 -13.72 3.07 -8.75
CA MET A 390 -14.37 4.03 -9.64
C MET A 390 -15.10 3.35 -10.79
N ASN A 391 -14.66 2.16 -11.20
CA ASN A 391 -15.28 1.51 -12.36
C ASN A 391 -16.76 1.18 -12.16
N PRO A 392 -17.17 0.45 -11.11
CA PRO A 392 -18.60 0.09 -11.01
C PRO A 392 -19.52 1.28 -10.88
N ILE A 393 -19.07 2.36 -10.26
CA ILE A 393 -19.90 3.56 -10.14
C ILE A 393 -20.21 4.13 -11.52
N VAL A 394 -19.18 4.34 -12.33
CA VAL A 394 -19.38 4.86 -13.68
C VAL A 394 -20.20 3.88 -14.51
N TYR A 395 -19.99 2.58 -14.32
CA TYR A 395 -20.71 1.58 -15.08
C TYR A 395 -22.21 1.62 -14.78
N ALA A 396 -22.58 1.61 -13.49
CA ALA A 396 -23.99 1.69 -13.15
C ALA A 396 -24.59 3.03 -13.58
N PHE A 397 -23.80 4.10 -13.48
CA PHE A 397 -24.25 5.40 -13.98
C PHE A 397 -24.62 5.33 -15.46
N ARG A 398 -23.76 4.71 -16.27
CA ARG A 398 -24.04 4.59 -17.70
C ARG A 398 -25.15 3.59 -17.98
N ILE A 399 -25.43 2.67 -17.06
CA ILE A 399 -26.64 1.87 -17.16
C ILE A 399 -27.86 2.76 -16.97
N GLN A 400 -27.81 3.68 -16.01
CA GLN A 400 -28.92 4.61 -15.81
C GLN A 400 -29.09 5.54 -17.00
N LYS A 401 -27.99 5.87 -17.70
CA LYS A 401 -28.11 6.68 -18.91
C LYS A 401 -28.84 5.93 -20.01
N PHE A 402 -28.45 4.68 -20.25
CA PHE A 402 -29.08 3.85 -21.27
C PHE A 402 -30.00 2.81 -20.63
C10 8K8 B . 2.47 1.28 -4.03
C13 8K8 B . 4.30 1.36 -6.67
C14 8K8 B . 4.67 1.59 -8.01
C16 8K8 B . 5.84 3.08 -6.69
C18 8K8 B . 6.85 4.23 -6.25
C21 8K8 B . 9.43 4.46 -6.40
C22 8K8 B . 8.25 3.84 -5.59
C23 8K8 B . 8.19 4.57 -4.29
C24 8K8 B . 7.68 6.04 -4.74
C25 8K8 B . 6.35 5.51 -5.31
C26 8K8 B . 8.49 6.68 -5.89
C27 8K8 B . 4.09 0.77 -9.16
C01 8K8 B . 0.79 -0.70 -13.45
C02 8K8 B . 0.97 -1.33 -12.03
C03 8K8 B . 1.71 -0.38 -11.04
C04 8K8 B . 2.46 -1.13 -9.89
N05 8K8 B . 3.12 -0.23 -8.75
C06 8K8 B . 2.71 -0.49 -7.39
O07 8K8 B . 1.91 -1.34 -7.12
N08 8K8 B . 3.33 0.35 -6.35
C09 8K8 B . 2.86 0.03 -4.91
C11 8K8 B . 1.92 0.97 -2.61
O12 8K8 B . 3.00 0.65 -1.74
N15 8K8 B . 5.61 2.63 -7.99
N17 8K8 B . 5.04 2.30 -5.87
C19 8K8 B . 7.31 5.26 -7.37
C20 8K8 B . 8.77 5.67 -6.97
O28 8K8 B . 4.37 0.93 -10.28
S SO4 C . 8.12 16.02 1.99
O1 SO4 C . 7.00 16.67 1.31
O2 SO4 C . 7.62 14.95 2.85
O3 SO4 C . 8.84 17.00 2.79
O4 SO4 C . 9.02 15.45 0.98
S SO4 D . -1.99 1.90 35.24
O1 SO4 D . -3.29 2.16 34.63
O2 SO4 D . -1.89 0.50 35.62
O3 SO4 D . -0.93 2.23 34.28
O4 SO4 D . -1.85 2.74 36.43
#